data_9UWD
#
_entry.id   9UWD
#
_entity_poly.entity_id   1
_entity_poly.type   'polypeptide(L)'
_entity_poly.pdbx_seq_one_letter_code
;MKSPFYRCQNTTSVEKGNSAVMGGVLFSTGLLGNLLALGLLARSGLGWCSRRPLRPLPSVFYMLVCGLTVTDLLGKCLLS
PVVLAAYAQNRSLRVLAPALDNSLCQAFAFFMSFFGLSSTLQLLAMALECWLSLGHPFFYRRHITLRLGALVAPVVSAFS
LAFCALPFMGFGKFVQYCPGTWCFIQMVHEEGSLSVLGYSVLYSSLMALLVLATVLCNLGAMRNLYAARRQLADLEDNWE
TLNDNLKVIEKADNAAQVKDALTKMRAAALDAQKATPPKLEDKSPDSPEMKDFRHGFDILVGQIDDALKLANEGKVKEAQ
AAAEQLKTTRNAYIQKYLERARSTLLEELDHLLLLALMTVLFTMCSLPVIYRAYYGAFKDVKEKNRTSEEAEDLRALRFL
SVISIVDPWIFIIFRSPVFRIFFHKIFI
;
_entity_poly.pdbx_strand_id   A
#
# COMPACT_ATOMS: atom_id res chain seq x y z
N MET A 1 50.09 6.86 -8.07
CA MET A 1 49.09 5.79 -7.75
C MET A 1 48.10 5.62 -8.91
N LYS A 2 47.24 4.62 -8.80
CA LYS A 2 46.25 4.35 -9.82
C LYS A 2 45.09 5.33 -9.71
N SER A 3 44.47 5.64 -10.85
CA SER A 3 43.33 6.54 -10.89
C SER A 3 42.06 5.73 -10.75
N PRO A 4 41.35 5.79 -9.62
CA PRO A 4 40.12 5.00 -9.49
C PRO A 4 38.99 5.58 -10.33
N PHE A 5 37.95 4.76 -10.49
CA PHE A 5 36.79 5.19 -11.26
C PHE A 5 36.16 6.43 -10.64
N TYR A 6 36.04 6.45 -9.32
CA TYR A 6 35.47 7.61 -8.61
C TYR A 6 36.48 8.76 -8.65
N ARG A 7 36.10 9.85 -9.33
CA ARG A 7 37.01 10.97 -9.49
C ARG A 7 37.27 11.70 -8.18
N CYS A 8 36.25 11.87 -7.35
CA CYS A 8 36.32 12.67 -6.14
C CYS A 8 36.09 11.81 -4.90
N GLN A 9 36.71 10.63 -4.88
CA GLN A 9 36.53 9.71 -3.75
C GLN A 9 37.33 10.17 -2.53
N ASN A 10 38.65 10.27 -2.68
CA ASN A 10 39.54 10.61 -1.57
C ASN A 10 39.60 12.10 -1.29
N THR A 11 38.76 12.91 -1.95
CA THR A 11 38.75 14.34 -1.70
C THR A 11 38.43 14.62 -0.23
N THR A 12 39.28 15.43 0.40
CA THR A 12 39.08 15.76 1.81
C THR A 12 38.00 16.81 1.98
N SER A 13 37.88 17.78 1.07
CA SER A 13 36.84 18.79 1.15
C SER A 13 35.69 18.44 0.27
N VAL A 14 34.53 18.93 0.63
CA VAL A 14 33.38 18.67 -0.17
C VAL A 14 33.72 19.32 -1.46
N GLU A 15 33.40 18.68 -2.57
CA GLU A 15 33.78 19.24 -3.87
C GLU A 15 33.13 20.56 -4.13
N LYS A 16 33.90 21.46 -4.73
CA LYS A 16 33.39 22.80 -4.95
C LYS A 16 32.17 22.73 -5.81
N GLY A 17 31.17 23.54 -5.47
CA GLY A 17 29.92 23.46 -6.20
C GLY A 17 28.78 24.34 -5.73
N ASN A 18 27.60 24.06 -6.24
CA ASN A 18 26.45 24.81 -5.81
C ASN A 18 25.18 24.00 -5.73
N SER A 19 24.28 24.25 -4.76
CA SER A 19 22.99 23.65 -4.45
C SER A 19 22.94 23.06 -3.04
N ALA A 20 23.87 23.46 -2.17
CA ALA A 20 23.87 22.92 -0.81
C ALA A 20 22.61 23.31 -0.05
N VAL A 21 22.17 24.56 -0.20
CA VAL A 21 20.98 25.01 0.52
C VAL A 21 19.75 24.24 0.07
N MET A 22 19.76 23.71 -1.16
CA MET A 22 18.63 22.94 -1.64
C MET A 22 18.44 21.68 -0.80
N GLY A 23 19.55 21.03 -0.41
CA GLY A 23 19.44 19.86 0.44
C GLY A 23 18.81 20.18 1.78
N GLY A 24 19.22 21.29 2.40
CA GLY A 24 18.63 21.68 3.66
C GLY A 24 17.15 22.03 3.52
N VAL A 25 16.80 22.69 2.41
CA VAL A 25 15.39 23.03 2.18
C VAL A 25 14.56 21.77 2.04
N LEU A 26 15.07 20.79 1.28
CA LEU A 26 14.35 19.54 1.11
C LEU A 26 14.23 18.80 2.44
N PHE A 27 15.30 18.81 3.25
CA PHE A 27 15.24 18.17 4.55
C PHE A 27 14.18 18.82 5.44
N SER A 28 14.15 20.15 5.46
CA SER A 28 13.16 20.85 6.27
C SER A 28 11.74 20.54 5.78
N THR A 29 11.55 20.50 4.47
CA THR A 29 10.23 20.18 3.93
C THR A 29 9.81 18.77 4.34
N GLY A 30 10.72 17.80 4.21
CA GLY A 30 10.38 16.44 4.59
C GLY A 30 10.10 16.31 6.07
N LEU A 31 10.87 17.01 6.91
CA LEU A 31 10.63 16.96 8.35
C LEU A 31 9.27 17.56 8.69
N LEU A 32 8.94 18.70 8.09
CA LEU A 32 7.63 19.31 8.33
C LEU A 32 6.52 18.37 7.88
N GLY A 33 6.70 17.71 6.74
CA GLY A 33 5.69 16.77 6.27
C GLY A 33 5.50 15.61 7.22
N ASN A 34 6.60 15.03 7.70
CA ASN A 34 6.50 13.93 8.63
C ASN A 34 5.83 14.36 9.94
N LEU A 35 6.19 15.56 10.42
CA LEU A 35 5.56 16.06 11.64
C LEU A 35 4.06 16.26 11.46
N LEU A 36 3.66 16.83 10.31
CA LEU A 36 2.24 17.04 10.05
C LEU A 36 1.51 15.70 9.94
N ALA A 37 2.14 14.70 9.31
CA ALA A 37 1.51 13.39 9.20
C ALA A 37 1.34 12.75 10.58
N LEU A 38 2.37 12.81 11.41
CA LEU A 38 2.27 12.24 12.75
C LEU A 38 1.22 12.97 13.57
N GLY A 39 1.11 14.29 13.41
CA GLY A 39 0.08 15.02 14.11
C GLY A 39 -1.31 14.64 13.67
N LEU A 40 -1.53 14.54 12.36
CA LEU A 40 -2.82 14.12 11.85
C LEU A 40 -3.18 12.72 12.35
N LEU A 41 -2.18 11.82 12.41
CA LEU A 41 -2.43 10.49 12.97
C LEU A 41 -2.83 10.59 14.44
N ALA A 42 -2.02 11.26 15.25
CA ALA A 42 -2.33 11.37 16.68
C ALA A 42 -3.70 12.00 16.90
N ARG A 43 -4.15 12.83 15.95
CA ARG A 43 -5.42 13.51 16.14
C ARG A 43 -6.62 12.70 15.66
N SER A 44 -6.48 11.95 14.56
CA SER A 44 -7.59 11.25 13.94
C SER A 44 -7.21 9.81 13.59
N GLY A 45 -6.58 9.12 14.54
CA GLY A 45 -6.30 7.70 14.35
C GLY A 45 -5.78 7.02 15.60
N LEU A 46 -4.76 6.19 15.47
CA LEU A 46 -4.25 5.37 16.56
C LEU A 46 -3.58 6.17 17.66
N GLY A 47 -3.63 7.51 17.61
CA GLY A 47 -3.03 8.33 18.63
C GLY A 47 -3.31 7.90 20.05
N TRP A 48 -2.26 7.57 20.79
CA TRP A 48 -2.36 7.17 22.18
C TRP A 48 -2.08 8.32 23.15
N CYS A 49 -2.13 9.56 22.67
CA CYS A 49 -1.82 10.70 23.53
C CYS A 49 -2.75 10.77 24.73
N SER A 50 -4.01 10.33 24.57
CA SER A 50 -4.98 10.39 25.64
C SER A 50 -6.16 9.51 25.25
N ARG A 51 -7.19 9.52 26.09
CA ARG A 51 -8.38 8.70 25.86
C ARG A 51 -9.28 9.38 24.83
N ARG A 52 -9.78 8.59 23.89
CA ARG A 52 -10.69 9.07 22.85
C ARG A 52 -11.89 8.14 22.80
N PRO A 53 -13.12 8.66 22.88
CA PRO A 53 -14.28 7.75 22.94
C PRO A 53 -14.33 6.70 21.84
N LEU A 54 -14.19 7.12 20.58
CA LEU A 54 -14.38 6.19 19.47
C LEU A 54 -13.25 5.18 19.39
N ARG A 55 -12.03 5.64 19.08
CA ARG A 55 -10.90 4.76 18.89
C ARG A 55 -11.25 3.64 17.92
N PRO A 56 -11.33 3.93 16.61
CA PRO A 56 -11.68 2.88 15.65
C PRO A 56 -10.74 1.68 15.76
N LEU A 57 -11.23 0.52 15.33
CA LEU A 57 -10.45 -0.71 15.39
C LEU A 57 -9.14 -0.52 14.64
N PRO A 58 -7.99 -0.60 15.31
CA PRO A 58 -6.70 -0.45 14.60
C PRO A 58 -6.55 -1.51 13.53
N SER A 59 -6.47 -1.06 12.28
CA SER A 59 -6.28 -1.96 11.15
C SER A 59 -4.80 -2.21 10.90
N VAL A 60 -4.47 -3.40 10.42
CA VAL A 60 -3.07 -3.74 10.17
C VAL A 60 -2.46 -2.78 9.16
N PHE A 61 -3.25 -2.31 8.19
CA PHE A 61 -2.73 -1.39 7.19
C PHE A 61 -2.26 -0.09 7.83
N TYR A 62 -3.09 0.49 8.69
CA TYR A 62 -2.69 1.71 9.39
C TYR A 62 -1.52 1.46 10.33
N MET A 63 -1.47 0.29 10.97
CA MET A 63 -0.33 -0.04 11.81
C MET A 63 0.96 -0.02 11.00
N LEU A 64 0.96 -0.68 9.84
CA LEU A 64 2.16 -0.72 9.01
C LEU A 64 2.50 0.66 8.47
N VAL A 65 1.49 1.47 8.14
CA VAL A 65 1.75 2.82 7.65
C VAL A 65 2.41 3.65 8.74
N CYS A 66 1.91 3.55 9.97
CA CYS A 66 2.52 4.29 11.08
C CYS A 66 3.94 3.80 11.34
N GLY A 67 4.16 2.49 11.27
CA GLY A 67 5.51 1.97 11.43
C GLY A 67 6.46 2.49 10.37
N LEU A 68 6.01 2.53 9.12
CA LEU A 68 6.84 3.05 8.04
C LEU A 68 7.13 4.54 8.25
N THR A 69 6.12 5.30 8.68
CA THR A 69 6.34 6.73 8.94
C THR A 69 7.36 6.93 10.05
N VAL A 70 7.25 6.15 11.13
CA VAL A 70 8.20 6.27 12.23
C VAL A 70 9.60 5.89 11.77
N THR A 71 9.71 4.83 10.97
CA THR A 71 11.02 4.41 10.46
C THR A 71 11.64 5.49 9.59
N ASP A 72 10.81 6.12 8.73
CA ASP A 72 11.33 7.19 7.87
C ASP A 72 11.76 8.39 8.70
N LEU A 73 10.98 8.76 9.71
CA LEU A 73 11.37 9.87 10.57
C LEU A 73 12.68 9.58 11.30
N LEU A 74 12.84 8.34 11.78
CA LEU A 74 14.07 7.98 12.48
C LEU A 74 15.26 8.00 11.52
N GLY A 75 15.09 7.46 10.32
CA GLY A 75 16.15 7.53 9.33
C GLY A 75 16.55 8.95 8.99
N LYS A 76 15.58 9.85 8.83
CA LYS A 76 15.87 11.30 8.57
C LYS A 76 16.40 12.07 9.79
N CYS A 77 16.15 11.62 10.99
CA CYS A 77 16.81 12.17 12.16
C CYS A 77 18.25 11.67 12.29
N LEU A 78 18.52 10.46 11.81
CA LEU A 78 19.87 9.91 11.91
C LEU A 78 20.77 10.37 10.77
N LEU A 79 20.21 10.60 9.58
CA LEU A 79 21.03 10.91 8.40
C LEU A 79 21.22 12.41 8.20
N SER A 80 20.12 13.17 8.22
CA SER A 80 20.19 14.60 7.90
C SER A 80 21.22 15.37 8.75
N PRO A 81 21.42 15.07 10.03
CA PRO A 81 22.43 15.83 10.79
C PRO A 81 23.81 15.75 10.16
N VAL A 82 24.23 14.58 9.68
CA VAL A 82 25.54 14.44 9.08
C VAL A 82 25.64 15.26 7.81
N VAL A 83 24.61 15.22 6.96
CA VAL A 83 24.61 15.97 5.72
C VAL A 83 24.67 17.47 6.02
N LEU A 84 23.93 17.92 7.04
CA LEU A 84 23.94 19.33 7.39
C LEU A 84 25.31 19.75 7.92
N ALA A 85 25.93 18.91 8.75
CA ALA A 85 27.26 19.23 9.26
C ALA A 85 28.27 19.29 8.11
N ALA A 86 28.12 18.41 7.12
CA ALA A 86 29.03 18.43 5.98
C ALA A 86 28.85 19.69 5.14
N TYR A 87 27.60 20.03 4.84
CA TYR A 87 27.33 21.22 4.02
C TYR A 87 27.79 22.48 4.73
N ALA A 88 27.40 22.66 6.00
CA ALA A 88 27.74 23.88 6.72
C ALA A 88 29.24 23.98 6.95
N GLN A 89 29.90 22.86 7.26
CA GLN A 89 31.34 22.86 7.52
C GLN A 89 32.16 22.75 6.24
N ASN A 90 31.56 22.36 5.12
CA ASN A 90 32.28 22.21 3.85
C ASN A 90 33.38 21.16 3.98
N ARG A 91 33.05 20.04 4.62
CA ARG A 91 34.00 18.97 4.87
C ARG A 91 33.32 17.63 4.60
N SER A 92 34.06 16.70 4.01
CA SER A 92 33.51 15.40 3.68
C SER A 92 33.45 14.51 4.92
N LEU A 93 32.62 13.47 4.83
CA LEU A 93 32.42 12.58 5.97
C LEU A 93 33.66 11.78 6.29
N ARG A 94 34.43 11.40 5.26
CA ARG A 94 35.61 10.59 5.48
C ARG A 94 36.68 11.28 6.32
N VAL A 95 36.54 12.59 6.55
CA VAL A 95 37.47 13.34 7.39
C VAL A 95 36.77 14.21 8.42
N LEU A 96 35.42 14.28 8.40
CA LEU A 96 34.70 15.13 9.32
C LEU A 96 34.78 14.63 10.77
N ALA A 97 35.24 13.40 10.99
CA ALA A 97 35.35 12.84 12.34
C ALA A 97 36.74 12.25 12.50
N PRO A 98 37.66 12.97 13.15
CA PRO A 98 39.01 12.42 13.32
C PRO A 98 39.04 11.05 13.97
N ALA A 99 38.16 10.81 14.95
CA ALA A 99 38.12 9.50 15.60
C ALA A 99 37.34 8.49 14.79
N LEU A 100 36.36 8.94 14.00
CA LEU A 100 35.54 8.07 13.16
C LEU A 100 35.77 8.38 11.69
N ASP A 101 37.05 8.55 11.33
CA ASP A 101 37.45 9.02 10.00
C ASP A 101 36.65 8.35 8.88
N ASN A 102 36.73 7.02 8.78
CA ASN A 102 35.99 6.30 7.76
C ASN A 102 34.66 5.77 8.27
N SER A 103 34.50 5.64 9.58
CA SER A 103 33.25 5.12 10.13
C SER A 103 32.09 6.07 9.88
N LEU A 104 32.33 7.38 9.87
CA LEU A 104 31.25 8.33 9.65
C LEU A 104 30.59 8.16 8.30
N CYS A 105 31.28 7.55 7.33
CA CYS A 105 30.70 7.22 6.03
C CYS A 105 30.30 5.76 5.93
N GLN A 106 31.06 4.85 6.53
CA GLN A 106 30.67 3.44 6.53
C GLN A 106 29.30 3.27 7.18
N ALA A 107 29.15 3.76 8.40
CA ALA A 107 27.86 3.65 9.10
C ALA A 107 26.78 4.45 8.38
N PHE A 108 27.14 5.55 7.72
CA PHE A 108 26.15 6.31 6.96
C PHE A 108 25.56 5.46 5.84
N ALA A 109 26.43 4.84 5.05
CA ALA A 109 25.94 3.97 3.98
C ALA A 109 25.20 2.76 4.55
N PHE A 110 25.68 2.24 5.68
CA PHE A 110 24.99 1.13 6.34
C PHE A 110 23.56 1.50 6.69
N PHE A 111 23.38 2.67 7.31
CA PHE A 111 22.04 3.13 7.66
C PHE A 111 21.21 3.38 6.41
N MET A 112 21.81 3.95 5.37
CA MET A 112 21.09 4.16 4.12
C MET A 112 20.51 2.84 3.61
N SER A 113 21.36 1.83 3.44
CA SER A 113 20.90 0.54 2.94
C SER A 113 19.90 -0.10 3.89
N PHE A 114 20.13 0.03 5.20
CA PHE A 114 19.23 -0.56 6.18
C PHE A 114 17.82 0.01 6.04
N PHE A 115 17.72 1.34 6.04
CA PHE A 115 16.41 1.97 5.94
C PHE A 115 15.76 1.72 4.58
N GLY A 116 16.56 1.69 3.51
CA GLY A 116 15.99 1.36 2.21
C GLY A 116 15.37 -0.03 2.19
N LEU A 117 16.12 -1.03 2.64
CA LEU A 117 15.61 -2.40 2.66
C LEU A 117 14.43 -2.52 3.62
N SER A 118 14.46 -1.79 4.73
CA SER A 118 13.34 -1.85 5.67
C SER A 118 12.08 -1.27 5.05
N SER A 119 12.19 -0.12 4.37
CA SER A 119 11.02 0.44 3.70
C SER A 119 10.51 -0.49 2.62
N THR A 120 11.42 -1.11 1.86
CA THR A 120 10.99 -2.05 0.82
C THR A 120 10.23 -3.23 1.42
N LEU A 121 10.77 -3.81 2.49
CA LEU A 121 10.11 -4.96 3.12
C LEU A 121 8.78 -4.56 3.74
N GLN A 122 8.69 -3.37 4.31
CA GLN A 122 7.42 -2.92 4.89
C GLN A 122 6.38 -2.69 3.80
N LEU A 123 6.80 -2.14 2.65
CA LEU A 123 5.87 -1.98 1.54
C LEU A 123 5.40 -3.34 1.03
N LEU A 124 6.33 -4.31 0.94
CA LEU A 124 5.94 -5.65 0.51
C LEU A 124 4.96 -6.27 1.49
N ALA A 125 5.18 -6.06 2.80
CA ALA A 125 4.26 -6.60 3.79
C ALA A 125 2.89 -5.95 3.69
N MET A 126 2.85 -4.64 3.50
CA MET A 126 1.56 -3.96 3.31
C MET A 126 0.84 -4.49 2.07
N ALA A 127 1.59 -4.72 0.99
CA ALA A 127 0.98 -5.26 -0.22
C ALA A 127 0.43 -6.66 0.01
N LEU A 128 1.20 -7.51 0.70
CA LEU A 128 0.72 -8.85 1.02
C LEU A 128 -0.54 -8.79 1.88
N GLU A 129 -0.58 -7.88 2.84
CA GLU A 129 -1.76 -7.75 3.68
C GLU A 129 -2.97 -7.30 2.88
N CYS A 130 -2.78 -6.32 1.99
CA CYS A 130 -3.88 -5.85 1.16
C CYS A 130 -4.36 -6.93 0.20
N TRP A 131 -3.45 -7.78 -0.28
CA TRP A 131 -3.85 -8.85 -1.18
C TRP A 131 -4.54 -10.00 -0.45
N LEU A 132 -4.16 -10.25 0.81
CA LEU A 132 -4.79 -11.31 1.58
C LEU A 132 -6.11 -10.87 2.19
N SER A 133 -6.32 -9.56 2.39
CA SER A 133 -7.59 -9.09 2.92
C SER A 133 -8.75 -9.55 2.05
N LEU A 134 -8.76 -9.14 0.79
CA LEU A 134 -9.80 -9.52 -0.16
C LEU A 134 -9.29 -10.70 -0.98
N GLY A 135 -9.72 -11.90 -0.62
CA GLY A 135 -9.31 -13.10 -1.33
C GLY A 135 -8.92 -14.23 -0.40
N HIS A 136 -8.38 -13.90 0.77
CA HIS A 136 -7.94 -14.89 1.76
C HIS A 136 -8.24 -14.37 3.16
N PRO A 137 -9.51 -14.14 3.47
CA PRO A 137 -9.85 -13.66 4.82
C PRO A 137 -9.61 -14.69 5.90
N PHE A 138 -9.75 -15.98 5.58
CA PHE A 138 -9.52 -17.02 6.59
C PHE A 138 -8.07 -17.01 7.05
N PHE A 139 -7.12 -17.05 6.10
CA PHE A 139 -5.72 -16.98 6.46
C PHE A 139 -5.40 -15.65 7.15
N TYR A 140 -6.06 -14.57 6.74
CA TYR A 140 -5.86 -13.29 7.39
C TYR A 140 -6.20 -13.37 8.87
N ARG A 141 -7.39 -13.88 9.19
CA ARG A 141 -7.80 -13.98 10.59
C ARG A 141 -6.95 -15.00 11.35
N ARG A 142 -6.47 -16.04 10.67
CA ARG A 142 -5.74 -17.10 11.36
C ARG A 142 -4.28 -16.75 11.61
N HIS A 143 -3.69 -15.87 10.81
CA HIS A 143 -2.28 -15.51 10.95
C HIS A 143 -2.05 -14.02 11.11
N ILE A 144 -2.84 -13.19 10.42
CA ILE A 144 -2.65 -11.74 10.44
C ILE A 144 -3.51 -11.19 11.56
N THR A 145 -2.92 -11.02 12.73
CA THR A 145 -3.59 -10.46 13.89
C THR A 145 -3.15 -9.01 14.11
N LEU A 146 -3.77 -8.37 15.10
CA LEU A 146 -3.42 -6.99 15.40
C LEU A 146 -1.98 -6.86 15.86
N ARG A 147 -1.45 -7.88 16.53
CA ARG A 147 -0.07 -7.83 16.99
C ARG A 147 0.92 -7.83 15.83
N LEU A 148 0.50 -8.27 14.64
CA LEU A 148 1.41 -8.27 13.50
C LEU A 148 1.79 -6.85 13.10
N GLY A 149 0.85 -5.91 13.18
CA GLY A 149 1.15 -4.54 12.83
C GLY A 149 2.33 -3.97 13.60
N ALA A 150 2.55 -4.45 14.82
CA ALA A 150 3.66 -4.01 15.64
C ALA A 150 4.84 -4.96 15.61
N LEU A 151 4.61 -6.24 15.29
CA LEU A 151 5.71 -7.21 15.24
C LEU A 151 6.44 -7.20 13.91
N VAL A 152 5.84 -6.65 12.86
CA VAL A 152 6.51 -6.62 11.56
C VAL A 152 7.74 -5.72 11.61
N ALA A 153 7.60 -4.52 12.16
CA ALA A 153 8.70 -3.57 12.15
C ALA A 153 9.94 -4.09 12.86
N PRO A 154 9.86 -4.65 14.07
CA PRO A 154 11.07 -5.24 14.67
C PRO A 154 11.70 -6.33 13.83
N VAL A 155 10.88 -7.23 13.26
CA VAL A 155 11.42 -8.32 12.46
C VAL A 155 12.08 -7.78 11.19
N VAL A 156 11.44 -6.80 10.54
CA VAL A 156 12.03 -6.21 9.34
C VAL A 156 13.34 -5.52 9.68
N SER A 157 13.39 -4.82 10.81
CA SER A 157 14.63 -4.16 11.22
C SER A 157 15.72 -5.17 11.49
N ALA A 158 15.39 -6.27 12.18
CA ALA A 158 16.39 -7.30 12.45
C ALA A 158 16.89 -7.93 11.16
N PHE A 159 15.99 -8.18 10.20
CA PHE A 159 16.42 -8.76 8.93
C PHE A 159 17.32 -7.80 8.17
N SER A 160 16.97 -6.52 8.14
CA SER A 160 17.81 -5.54 7.46
C SER A 160 19.18 -5.42 8.14
N LEU A 161 19.21 -5.51 9.47
CA LEU A 161 20.48 -5.47 10.18
C LEU A 161 21.34 -6.68 9.83
N ALA A 162 20.74 -7.88 9.84
CA ALA A 162 21.48 -9.08 9.50
C ALA A 162 21.95 -9.07 8.06
N PHE A 163 21.21 -8.42 7.17
CA PHE A 163 21.59 -8.38 5.76
C PHE A 163 22.70 -7.37 5.51
N CYS A 164 22.56 -6.16 6.05
CA CYS A 164 23.55 -5.10 5.84
C CYS A 164 24.83 -5.32 6.64
N ALA A 165 24.96 -6.42 7.37
CA ALA A 165 26.19 -6.70 8.10
C ALA A 165 27.26 -7.31 7.20
N LEU A 166 26.90 -7.80 6.03
CA LEU A 166 27.88 -8.36 5.09
C LEU A 166 29.02 -7.42 4.77
N PRO A 167 28.79 -6.16 4.37
CA PRO A 167 29.92 -5.28 4.06
C PRO A 167 30.93 -5.14 5.19
N PHE A 168 30.47 -5.16 6.44
CA PHE A 168 31.40 -5.13 7.56
C PHE A 168 32.24 -6.40 7.64
N MET A 169 31.82 -7.47 6.97
CA MET A 169 32.59 -8.71 6.94
C MET A 169 33.59 -8.75 5.80
N GLY A 170 33.30 -8.10 4.67
CA GLY A 170 34.20 -8.08 3.54
C GLY A 170 33.49 -8.15 2.21
N PHE A 171 32.18 -8.39 2.22
CA PHE A 171 31.40 -8.51 1.00
C PHE A 171 30.83 -7.14 0.63
N GLY A 172 31.49 -6.46 -0.30
CA GLY A 172 31.01 -5.18 -0.78
C GLY A 172 31.29 -4.03 0.14
N LYS A 173 32.53 -3.73 0.45
CA LYS A 173 32.77 -2.66 1.38
C LYS A 173 32.30 -1.32 0.79
N PHE A 174 31.87 -0.36 1.61
CA PHE A 174 31.31 0.91 1.10
C PHE A 174 32.29 1.95 0.61
N VAL A 175 31.82 2.87 -0.20
CA VAL A 175 32.69 3.92 -0.70
C VAL A 175 32.00 5.26 -0.66
N GLN A 176 32.75 6.36 -0.82
CA GLN A 176 32.16 7.71 -0.86
C GLN A 176 32.03 8.28 -2.23
N TYR A 177 30.84 8.66 -2.59
CA TYR A 177 30.63 9.16 -3.89
C TYR A 177 31.06 10.59 -3.93
N CYS A 178 31.25 11.17 -5.10
CA CYS A 178 31.77 12.55 -5.27
C CYS A 178 31.35 13.58 -4.25
N PRO A 179 30.08 13.96 -4.21
CA PRO A 179 29.58 15.09 -3.40
C PRO A 179 30.10 15.22 -1.98
N GLY A 180 30.54 14.13 -1.35
CA GLY A 180 31.03 14.16 0.01
C GLY A 180 29.93 14.03 1.05
N THR A 181 28.76 14.28 0.59
CA THR A 181 27.69 14.09 1.45
C THR A 181 27.47 12.62 1.26
N TRP A 182 26.97 12.19 0.12
CA TRP A 182 26.58 10.81 -0.03
C TRP A 182 27.60 9.77 0.09
N CYS A 183 27.28 8.69 0.76
CA CYS A 183 28.16 7.55 0.78
C CYS A 183 27.14 6.45 0.56
N PHE A 184 27.44 5.40 -0.18
CA PHE A 184 26.50 4.33 -0.50
C PHE A 184 27.34 3.10 -0.86
N ILE A 185 26.73 1.97 -1.08
CA ILE A 185 27.45 0.78 -1.48
C ILE A 185 28.13 0.96 -2.82
N GLN A 186 29.34 0.46 -2.97
CA GLN A 186 30.06 0.59 -4.22
C GLN A 186 29.34 -0.09 -5.34
N MET A 187 29.05 0.65 -6.39
CA MET A 187 28.39 0.07 -7.56
C MET A 187 29.40 -0.26 -8.66
N VAL A 188 30.31 0.60 -9.05
CA VAL A 188 31.19 0.29 -10.18
C VAL A 188 32.56 -0.16 -9.80
N HIS A 189 32.91 -1.38 -10.09
CA HIS A 189 34.28 -1.75 -9.80
C HIS A 189 34.94 -2.27 -11.04
N GLU A 190 36.09 -1.72 -11.39
CA GLU A 190 36.83 -2.20 -12.54
C GLU A 190 37.76 -3.30 -12.07
N GLU A 191 37.87 -3.46 -10.77
CA GLU A 191 38.65 -4.58 -10.31
C GLU A 191 37.62 -5.65 -10.14
N GLY A 192 37.65 -6.68 -11.00
CA GLY A 192 36.66 -7.74 -10.99
C GLY A 192 36.33 -8.45 -9.71
N SER A 193 37.23 -8.44 -8.70
CA SER A 193 36.97 -9.03 -7.40
C SER A 193 35.49 -9.42 -7.30
N LEU A 194 35.23 -10.73 -7.38
CA LEU A 194 33.84 -11.20 -7.34
C LEU A 194 33.20 -10.91 -5.99
N SER A 195 33.98 -10.92 -4.91
CA SER A 195 33.40 -10.72 -3.58
C SER A 195 32.74 -9.36 -3.48
N VAL A 196 33.28 -8.34 -4.14
CA VAL A 196 32.73 -7.00 -4.05
C VAL A 196 31.47 -6.88 -4.90
N LEU A 197 31.55 -7.26 -6.18
CA LEU A 197 30.40 -7.13 -7.07
C LEU A 197 29.25 -8.03 -6.63
N GLY A 198 29.56 -9.12 -5.91
CA GLY A 198 28.50 -10.05 -5.53
C GLY A 198 27.49 -9.44 -4.59
N TYR A 199 27.95 -8.69 -3.59
CA TYR A 199 27.02 -8.07 -2.66
C TYR A 199 26.15 -7.04 -3.35
N SER A 200 26.74 -6.23 -4.24
CA SER A 200 25.95 -5.24 -4.97
C SER A 200 24.91 -5.92 -5.86
N VAL A 201 25.29 -6.97 -6.58
CA VAL A 201 24.36 -7.67 -7.44
C VAL A 201 23.24 -8.29 -6.61
N LEU A 202 23.58 -8.86 -5.45
CA LEU A 202 22.58 -9.48 -4.60
C LEU A 202 21.59 -8.43 -4.09
N TYR A 203 22.10 -7.28 -3.64
CA TYR A 203 21.21 -6.22 -3.17
C TYR A 203 20.30 -5.73 -4.29
N SER A 204 20.86 -5.52 -5.48
CA SER A 204 20.05 -5.05 -6.60
C SER A 204 18.97 -6.06 -6.95
N SER A 205 19.31 -7.35 -7.04
CA SER A 205 18.33 -8.36 -7.37
C SER A 205 17.27 -8.48 -6.29
N LEU A 206 17.67 -8.35 -5.02
CA LEU A 206 16.71 -8.40 -3.93
C LEU A 206 15.71 -7.26 -4.04
N MET A 207 16.20 -6.03 -4.25
CA MET A 207 15.30 -4.90 -4.39
C MET A 207 14.38 -5.07 -5.60
N ALA A 208 14.93 -5.58 -6.72
CA ALA A 208 14.13 -5.77 -7.91
C ALA A 208 13.01 -6.78 -7.67
N LEU A 209 13.34 -7.93 -7.09
CA LEU A 209 12.32 -8.94 -6.86
C LEU A 209 11.32 -8.50 -5.81
N LEU A 210 11.75 -7.69 -4.83
CA LEU A 210 10.80 -7.17 -3.85
C LEU A 210 9.81 -6.21 -4.51
N VAL A 211 10.31 -5.32 -5.36
CA VAL A 211 9.42 -4.42 -6.08
C VAL A 211 8.48 -5.19 -6.99
N LEU A 212 8.99 -6.25 -7.63
CA LEU A 212 8.13 -7.05 -8.51
C LEU A 212 7.03 -7.75 -7.72
N ALA A 213 7.38 -8.34 -6.58
CA ALA A 213 6.37 -8.98 -5.74
C ALA A 213 5.35 -7.97 -5.24
N THR A 214 5.81 -6.75 -4.90
CA THR A 214 4.89 -5.72 -4.46
C THR A 214 3.90 -5.36 -5.57
N VAL A 215 4.41 -5.20 -6.80
CA VAL A 215 3.54 -4.86 -7.92
C VAL A 215 2.55 -5.98 -8.19
N LEU A 216 3.02 -7.23 -8.11
CA LEU A 216 2.12 -8.36 -8.34
C LEU A 216 1.03 -8.41 -7.28
N CYS A 217 1.39 -8.20 -6.01
CA CYS A 217 0.40 -8.20 -4.95
C CYS A 217 -0.59 -7.05 -5.12
N ASN A 218 -0.11 -5.89 -5.56
CA ASN A 218 -1.01 -4.76 -5.80
C ASN A 218 -1.99 -5.08 -6.93
N LEU A 219 -1.50 -5.71 -8.00
CA LEU A 219 -2.39 -6.08 -9.09
C LEU A 219 -3.41 -7.11 -8.65
N GLY A 220 -2.98 -8.08 -7.84
CA GLY A 220 -3.92 -9.06 -7.32
C GLY A 220 -4.99 -8.44 -6.44
N ALA A 221 -4.58 -7.50 -5.58
CA ALA A 221 -5.55 -6.80 -4.74
C ALA A 221 -6.52 -5.98 -5.58
N MET A 222 -6.02 -5.33 -6.63
CA MET A 222 -6.90 -4.59 -7.53
C MET A 222 -7.90 -5.52 -8.19
N ARG A 223 -7.45 -6.69 -8.63
CA ARG A 223 -8.36 -7.65 -9.25
C ARG A 223 -9.42 -8.12 -8.27
N ASN A 224 -9.01 -8.44 -7.04
CA ASN A 224 -9.99 -8.87 -6.04
C ASN A 224 -10.99 -7.77 -5.73
N LEU A 225 -10.53 -6.52 -5.63
CA LEU A 225 -11.44 -5.41 -5.37
C LEU A 225 -12.40 -5.20 -6.54
N TYR A 226 -11.90 -5.37 -7.76
CA TYR A 226 -12.77 -5.24 -8.93
C TYR A 226 -13.83 -6.34 -8.94
N ALA A 227 -13.45 -7.56 -8.56
CA ALA A 227 -14.43 -8.64 -8.47
C ALA A 227 -15.47 -8.34 -7.41
N ALA A 228 -15.04 -7.84 -6.24
CA ALA A 228 -15.98 -7.50 -5.19
C ALA A 228 -16.93 -6.39 -5.65
N ARG A 229 -16.40 -5.40 -6.38
CA ARG A 229 -17.25 -4.32 -6.88
C ARG A 229 -18.23 -4.84 -7.92
N ARG A 230 -17.81 -5.77 -8.76
CA ARG A 230 -18.73 -6.39 -9.71
C ARG A 230 -19.84 -7.13 -8.99
N GLN A 231 -19.49 -7.87 -7.93
CA GLN A 231 -20.52 -8.56 -7.15
C GLN A 231 -21.49 -7.58 -6.51
N LEU A 232 -20.97 -6.48 -5.95
CA LEU A 232 -21.84 -5.48 -5.34
C LEU A 232 -22.75 -4.83 -6.38
N ALA A 233 -22.22 -4.57 -7.58
CA ALA A 233 -23.04 -4.00 -8.64
C ALA A 233 -24.12 -4.97 -9.09
N ASP A 234 -23.79 -6.27 -9.14
CA ASP A 234 -24.79 -7.26 -9.47
C ASP A 234 -25.89 -7.30 -8.41
N LEU A 235 -25.51 -7.22 -7.13
CA LEU A 235 -26.50 -7.18 -6.07
C LEU A 235 -27.39 -5.96 -6.19
N GLU A 236 -26.80 -4.79 -6.48
CA GLU A 236 -27.59 -3.57 -6.63
C GLU A 236 -28.53 -3.68 -7.83
N ASP A 237 -28.07 -4.27 -8.93
CA ASP A 237 -28.94 -4.45 -10.08
C ASP A 237 -30.07 -5.41 -9.77
N ASN A 238 -29.80 -6.47 -9.01
CA ASN A 238 -30.88 -7.38 -8.61
C ASN A 238 -31.89 -6.66 -7.72
N TRP A 239 -31.41 -5.82 -6.80
CA TRP A 239 -32.33 -5.05 -5.95
C TRP A 239 -33.19 -4.12 -6.79
N GLU A 240 -32.58 -3.43 -7.77
CA GLU A 240 -33.34 -2.54 -8.63
C GLU A 240 -34.36 -3.31 -9.46
N THR A 241 -34.00 -4.51 -9.92
CA THR A 241 -34.94 -5.34 -10.67
C THR A 241 -36.11 -5.77 -9.79
N LEU A 242 -35.83 -6.15 -8.54
CA LEU A 242 -36.90 -6.49 -7.61
C LEU A 242 -37.82 -5.28 -7.38
N ASN A 243 -37.23 -4.10 -7.21
CA ASN A 243 -38.05 -2.90 -7.00
C ASN A 243 -38.91 -2.60 -8.22
N ASP A 244 -38.35 -2.78 -9.43
CA ASP A 244 -39.13 -2.54 -10.64
C ASP A 244 -40.27 -3.55 -10.77
N ASN A 245 -40.00 -4.82 -10.46
CA ASN A 245 -41.06 -5.82 -10.51
C ASN A 245 -42.15 -5.49 -9.49
N LEU A 246 -41.77 -5.03 -8.30
CA LEU A 246 -42.76 -4.64 -7.32
C LEU A 246 -43.61 -3.47 -7.82
N LYS A 247 -42.96 -2.45 -8.37
CA LYS A 247 -43.71 -1.30 -8.90
C LYS A 247 -44.66 -1.74 -10.00
N VAL A 248 -44.23 -2.67 -10.86
CA VAL A 248 -45.10 -3.12 -11.95
C VAL A 248 -46.28 -3.91 -11.40
N ILE A 249 -46.03 -4.79 -10.42
CA ILE A 249 -47.11 -5.60 -9.87
C ILE A 249 -48.12 -4.75 -9.14
N GLU A 250 -47.65 -3.70 -8.45
CA GLU A 250 -48.55 -2.82 -7.71
C GLU A 250 -49.46 -2.00 -8.61
N LYS A 251 -49.21 -1.98 -9.93
CA LYS A 251 -50.03 -1.23 -10.85
C LYS A 251 -50.38 -2.00 -12.12
N ALA A 252 -49.97 -3.27 -12.23
CA ALA A 252 -50.30 -4.05 -13.41
C ALA A 252 -51.80 -4.30 -13.50
N ASP A 253 -52.30 -4.40 -14.73
CA ASP A 253 -53.72 -4.61 -14.99
C ASP A 253 -54.02 -6.05 -15.39
N ASN A 254 -53.33 -6.56 -16.40
CA ASN A 254 -53.58 -7.92 -16.88
C ASN A 254 -52.85 -8.94 -16.03
N ALA A 255 -53.43 -10.15 -15.97
CA ALA A 255 -52.83 -11.23 -15.18
C ALA A 255 -51.54 -11.72 -15.81
N ALA A 256 -51.45 -11.70 -17.14
CA ALA A 256 -50.22 -12.15 -17.80
C ALA A 256 -49.04 -11.25 -17.45
N GLN A 257 -49.28 -9.94 -17.37
CA GLN A 257 -48.22 -9.03 -16.97
C GLN A 257 -47.75 -9.32 -15.55
N VAL A 258 -48.69 -9.56 -14.64
CA VAL A 258 -48.31 -9.89 -13.26
C VAL A 258 -47.52 -11.19 -13.22
N LYS A 259 -47.93 -12.18 -14.02
CA LYS A 259 -47.22 -13.45 -14.04
C LYS A 259 -45.79 -13.27 -14.56
N ASP A 260 -45.63 -12.50 -15.63
CA ASP A 260 -44.29 -12.26 -16.18
C ASP A 260 -43.43 -11.50 -15.18
N ALA A 261 -43.99 -10.49 -14.51
CA ALA A 261 -43.24 -9.74 -13.52
C ALA A 261 -42.81 -10.64 -12.38
N LEU A 262 -43.71 -11.51 -11.91
CA LEU A 262 -43.36 -12.42 -10.82
C LEU A 262 -42.29 -13.42 -11.27
N THR A 263 -42.36 -13.88 -12.51
CA THR A 263 -41.34 -14.80 -13.01
C THR A 263 -39.97 -14.12 -13.07
N LYS A 264 -39.92 -12.89 -13.59
CA LYS A 264 -38.67 -12.17 -13.63
C LYS A 264 -38.14 -11.91 -12.22
N MET A 265 -39.04 -11.58 -11.29
CA MET A 265 -38.61 -11.33 -9.92
C MET A 265 -38.06 -12.60 -9.27
N ARG A 266 -38.68 -13.75 -9.55
CA ARG A 266 -38.19 -15.01 -9.01
C ARG A 266 -36.84 -15.37 -9.60
N ALA A 267 -36.66 -15.12 -10.90
CA ALA A 267 -35.36 -15.36 -11.52
C ALA A 267 -34.28 -14.47 -10.91
N ALA A 268 -34.61 -13.19 -10.69
CA ALA A 268 -33.65 -12.29 -10.06
C ALA A 268 -33.31 -12.73 -8.65
N ALA A 269 -34.32 -13.17 -7.89
CA ALA A 269 -34.07 -13.64 -6.54
C ALA A 269 -33.18 -14.88 -6.54
N LEU A 270 -33.44 -15.81 -7.46
CA LEU A 270 -32.57 -16.98 -7.56
C LEU A 270 -31.14 -16.58 -7.90
N ASP A 271 -30.98 -15.65 -8.84
CA ASP A 271 -29.63 -15.23 -9.22
C ASP A 271 -28.91 -14.53 -8.07
N ALA A 272 -29.67 -13.80 -7.24
CA ALA A 272 -29.04 -13.03 -6.16
C ALA A 272 -28.77 -13.90 -4.93
N GLN A 273 -29.56 -14.96 -4.73
CA GLN A 273 -29.42 -15.77 -3.52
C GLN A 273 -28.09 -16.50 -3.45
N LYS A 274 -27.38 -16.64 -4.56
CA LYS A 274 -26.10 -17.35 -4.60
C LYS A 274 -24.91 -16.40 -4.57
N ALA A 275 -25.09 -15.19 -4.06
CA ALA A 275 -24.00 -14.24 -3.97
C ALA A 275 -23.20 -14.45 -2.68
N THR A 276 -22.03 -13.81 -2.63
CA THR A 276 -21.15 -13.91 -1.48
C THR A 276 -20.57 -12.53 -1.15
N PRO A 277 -20.77 -12.01 0.06
CA PRO A 277 -20.20 -10.71 0.42
C PRO A 277 -18.70 -10.72 0.26
N PRO A 278 -18.05 -9.54 0.25
CA PRO A 278 -16.60 -9.48 0.04
C PRO A 278 -15.80 -10.17 1.14
N LYS A 279 -16.02 -9.77 2.39
CA LYS A 279 -15.23 -10.27 3.50
C LYS A 279 -15.85 -11.48 4.20
N LEU A 280 -17.17 -11.66 4.09
CA LEU A 280 -17.86 -12.74 4.78
C LEU A 280 -17.70 -14.05 4.01
N GLU A 281 -16.44 -14.46 3.84
CA GLU A 281 -16.10 -15.69 3.16
C GLU A 281 -15.30 -16.67 4.03
N ASP A 282 -14.70 -16.20 5.12
CA ASP A 282 -13.93 -17.07 6.01
C ASP A 282 -14.80 -17.83 7.00
N LYS A 283 -16.10 -17.53 7.06
CA LYS A 283 -17.03 -18.21 7.95
C LYS A 283 -18.04 -19.00 7.13
N SER A 284 -18.40 -20.17 7.64
CA SER A 284 -19.38 -21.01 6.97
C SER A 284 -20.74 -20.32 6.98
N PRO A 285 -21.62 -20.69 6.03
CA PRO A 285 -22.95 -20.06 6.00
C PRO A 285 -23.84 -20.54 7.13
N ASP A 286 -23.40 -20.32 8.37
CA ASP A 286 -24.18 -20.71 9.54
C ASP A 286 -24.29 -19.57 10.53
N SER A 287 -23.32 -18.64 10.49
CA SER A 287 -23.33 -17.52 11.39
C SER A 287 -24.55 -16.63 11.12
N PRO A 288 -24.94 -15.79 12.09
CA PRO A 288 -26.12 -14.94 11.88
C PRO A 288 -26.02 -14.06 10.65
N GLU A 289 -24.83 -13.52 10.36
CA GLU A 289 -24.68 -12.59 9.24
C GLU A 289 -25.23 -13.17 7.95
N MET A 290 -24.70 -14.33 7.54
CA MET A 290 -25.14 -14.95 6.30
C MET A 290 -26.40 -15.79 6.48
N LYS A 291 -26.61 -16.34 7.68
CA LYS A 291 -27.80 -17.16 7.91
C LYS A 291 -29.08 -16.33 7.77
N ASP A 292 -29.10 -15.14 8.38
CA ASP A 292 -30.28 -14.30 8.28
C ASP A 292 -30.52 -13.85 6.84
N PHE A 293 -29.46 -13.54 6.11
CA PHE A 293 -29.61 -13.13 4.72
C PHE A 293 -30.17 -14.26 3.88
N ARG A 294 -29.66 -15.47 4.06
CA ARG A 294 -30.16 -16.62 3.31
C ARG A 294 -31.61 -16.93 3.69
N HIS A 295 -31.96 -16.79 4.96
CA HIS A 295 -33.34 -17.02 5.37
C HIS A 295 -34.27 -15.98 4.76
N GLY A 296 -33.82 -14.72 4.71
CA GLY A 296 -34.62 -13.70 4.06
C GLY A 296 -34.81 -13.96 2.58
N PHE A 297 -33.76 -14.44 1.90
CA PHE A 297 -33.89 -14.77 0.49
C PHE A 297 -34.81 -15.97 0.28
N ASP A 298 -34.77 -16.95 1.20
CA ASP A 298 -35.69 -18.07 1.10
C ASP A 298 -37.14 -17.61 1.29
N ILE A 299 -37.38 -16.72 2.25
CA ILE A 299 -38.71 -16.17 2.44
C ILE A 299 -39.14 -15.39 1.19
N LEU A 300 -38.19 -14.68 0.56
CA LEU A 300 -38.50 -13.98 -0.67
C LEU A 300 -38.93 -14.94 -1.76
N VAL A 301 -38.17 -16.02 -1.96
CA VAL A 301 -38.52 -17.01 -2.98
C VAL A 301 -39.89 -17.61 -2.69
N GLY A 302 -40.16 -17.90 -1.41
CA GLY A 302 -41.45 -18.47 -1.05
C GLY A 302 -42.60 -17.52 -1.32
N GLN A 303 -42.42 -16.24 -0.99
CA GLN A 303 -43.46 -15.25 -1.26
C GLN A 303 -43.69 -15.09 -2.76
N ILE A 304 -42.61 -15.13 -3.54
CA ILE A 304 -42.76 -15.01 -4.99
C ILE A 304 -43.49 -16.23 -5.55
N ASP A 305 -43.20 -17.41 -5.02
CA ASP A 305 -43.91 -18.60 -5.46
C ASP A 305 -45.38 -18.54 -5.09
N ASP A 306 -45.69 -18.03 -3.89
CA ASP A 306 -47.08 -17.86 -3.50
C ASP A 306 -47.79 -16.87 -4.41
N ALA A 307 -47.11 -15.78 -4.77
CA ALA A 307 -47.70 -14.80 -5.67
C ALA A 307 -47.94 -15.41 -7.06
N LEU A 308 -47.00 -16.24 -7.52
CA LEU A 308 -47.20 -16.93 -8.79
C LEU A 308 -48.42 -17.84 -8.74
N LYS A 309 -48.53 -18.62 -7.67
CA LYS A 309 -49.70 -19.50 -7.52
C LYS A 309 -50.99 -18.69 -7.50
N LEU A 310 -51.00 -17.56 -6.79
CA LEU A 310 -52.19 -16.72 -6.76
C LEU A 310 -52.53 -16.20 -8.16
N ALA A 311 -51.51 -15.73 -8.89
CA ALA A 311 -51.75 -15.22 -10.24
C ALA A 311 -52.29 -16.31 -11.15
N ASN A 312 -51.81 -17.55 -10.98
CA ASN A 312 -52.31 -18.64 -11.79
C ASN A 312 -53.82 -18.82 -11.63
N GLU A 313 -54.35 -18.46 -10.46
CA GLU A 313 -55.79 -18.55 -10.22
C GLU A 313 -56.56 -17.35 -10.75
N GLY A 314 -55.88 -16.24 -11.02
CA GLY A 314 -56.53 -15.05 -11.55
C GLY A 314 -56.70 -13.93 -10.56
N LYS A 315 -56.09 -14.00 -9.38
CA LYS A 315 -56.21 -12.95 -8.39
C LYS A 315 -55.18 -11.85 -8.63
N VAL A 316 -55.56 -10.62 -8.28
CA VAL A 316 -54.71 -9.45 -8.46
C VAL A 316 -54.45 -8.73 -7.14
N LYS A 317 -55.50 -8.54 -6.34
CA LYS A 317 -55.33 -7.84 -5.07
C LYS A 317 -54.50 -8.67 -4.09
N GLU A 318 -54.68 -9.99 -4.09
CA GLU A 318 -53.85 -10.84 -3.25
C GLU A 318 -52.38 -10.76 -3.67
N ALA A 319 -52.13 -10.74 -4.98
CA ALA A 319 -50.76 -10.59 -5.46
C ALA A 319 -50.17 -9.25 -5.05
N GLN A 320 -50.99 -8.19 -5.11
CA GLN A 320 -50.51 -6.88 -4.70
C GLN A 320 -50.17 -6.86 -3.21
N ALA A 321 -51.02 -7.48 -2.37
CA ALA A 321 -50.72 -7.56 -0.95
C ALA A 321 -49.46 -8.36 -0.70
N ALA A 322 -49.27 -9.46 -1.43
CA ALA A 322 -48.06 -10.25 -1.29
C ALA A 322 -46.83 -9.44 -1.68
N ALA A 323 -46.92 -8.65 -2.75
CA ALA A 323 -45.81 -7.81 -3.15
C ALA A 323 -45.51 -6.75 -2.11
N GLU A 324 -46.55 -6.17 -1.51
CA GLU A 324 -46.33 -5.19 -0.45
C GLU A 324 -45.64 -5.81 0.75
N GLN A 325 -46.07 -7.00 1.16
CA GLN A 325 -45.40 -7.70 2.26
C GLN A 325 -43.96 -8.00 1.92
N LEU A 326 -43.70 -8.43 0.67
CA LEU A 326 -42.35 -8.70 0.23
C LEU A 326 -41.48 -7.45 0.33
N LYS A 327 -42.01 -6.32 -0.13
CA LYS A 327 -41.25 -5.06 -0.07
C LYS A 327 -40.98 -4.67 1.38
N THR A 328 -41.96 -4.88 2.26
CA THR A 328 -41.77 -4.52 3.66
C THR A 328 -40.75 -5.42 4.34
N THR A 329 -40.67 -6.68 3.92
CA THR A 329 -39.80 -7.64 4.58
C THR A 329 -38.38 -7.67 4.01
N ARG A 330 -38.18 -7.26 2.75
CA ARG A 330 -36.85 -7.36 2.15
C ARG A 330 -35.89 -6.32 2.71
N ASN A 331 -36.41 -5.18 3.15
CA ASN A 331 -35.54 -4.08 3.59
C ASN A 331 -34.68 -4.50 4.77
N ALA A 332 -35.31 -4.81 5.91
CA ALA A 332 -34.57 -5.14 7.11
C ALA A 332 -33.60 -6.29 6.91
N TYR A 333 -33.78 -7.10 5.87
CA TYR A 333 -32.93 -8.25 5.63
C TYR A 333 -31.79 -7.97 4.65
N ILE A 334 -31.96 -7.01 3.73
CA ILE A 334 -30.99 -6.79 2.66
C ILE A 334 -30.24 -5.48 2.83
N GLN A 335 -30.92 -4.42 3.28
CA GLN A 335 -30.33 -3.08 3.25
C GLN A 335 -29.14 -2.96 4.20
N LYS A 336 -29.26 -3.54 5.40
CA LYS A 336 -28.18 -3.44 6.38
C LYS A 336 -26.91 -4.11 5.85
N TYR A 337 -27.04 -5.34 5.34
CA TYR A 337 -25.88 -6.03 4.80
C TYR A 337 -25.33 -5.32 3.57
N LEU A 338 -26.20 -4.73 2.74
CA LEU A 338 -25.71 -3.99 1.58
C LEU A 338 -24.87 -2.80 2.02
N GLU A 339 -25.35 -2.05 3.01
CA GLU A 339 -24.61 -0.90 3.50
C GLU A 339 -23.29 -1.32 4.14
N ARG A 340 -23.30 -2.43 4.89
CA ARG A 340 -22.07 -2.90 5.50
C ARG A 340 -21.05 -3.31 4.44
N ALA A 341 -21.50 -4.02 3.40
CA ALA A 341 -20.60 -4.39 2.31
C ALA A 341 -20.07 -3.16 1.59
N ARG A 342 -20.92 -2.15 1.39
CA ARG A 342 -20.46 -0.92 0.75
C ARG A 342 -19.39 -0.22 1.58
N SER A 343 -19.59 -0.16 2.90
CA SER A 343 -18.59 0.46 3.76
C SER A 343 -17.28 -0.32 3.73
N THR A 344 -17.36 -1.66 3.78
CA THR A 344 -16.16 -2.47 3.69
C THR A 344 -15.43 -2.24 2.36
N LEU A 345 -16.18 -2.15 1.27
CA LEU A 345 -15.58 -1.90 -0.03
C LEU A 345 -14.92 -0.53 -0.08
N LEU A 346 -15.55 0.48 0.53
CA LEU A 346 -14.94 1.81 0.57
C LEU A 346 -13.63 1.78 1.35
N GLU A 347 -13.62 1.09 2.50
CA GLU A 347 -12.39 1.00 3.28
C GLU A 347 -11.30 0.28 2.49
N GLU A 348 -11.64 -0.83 1.84
CA GLU A 348 -10.66 -1.56 1.05
C GLU A 348 -10.14 -0.71 -0.10
N LEU A 349 -11.02 0.08 -0.72
CA LEU A 349 -10.60 0.96 -1.81
C LEU A 349 -9.63 2.02 -1.31
N ASP A 350 -9.92 2.61 -0.15
CA ASP A 350 -8.99 3.58 0.42
C ASP A 350 -7.63 2.94 0.68
N HIS A 351 -7.62 1.76 1.30
CA HIS A 351 -6.36 1.08 1.59
C HIS A 351 -5.59 0.79 0.31
N LEU A 352 -6.28 0.27 -0.71
CA LEU A 352 -5.60 -0.09 -1.95
C LEU A 352 -5.08 1.15 -2.67
N LEU A 353 -5.84 2.25 -2.64
CA LEU A 353 -5.38 3.48 -3.27
C LEU A 353 -4.13 4.00 -2.58
N LEU A 354 -4.11 3.98 -1.25
CA LEU A 354 -2.92 4.40 -0.53
C LEU A 354 -1.73 3.52 -0.87
N LEU A 355 -1.94 2.20 -0.86
CA LEU A 355 -0.86 1.27 -1.21
C LEU A 355 -0.33 1.53 -2.61
N ALA A 356 -1.22 1.77 -3.57
CA ALA A 356 -0.78 1.98 -4.94
C ALA A 356 -0.05 3.30 -5.10
N LEU A 357 -0.56 4.37 -4.49
CA LEU A 357 0.10 5.66 -4.59
C LEU A 357 1.45 5.67 -3.87
N MET A 358 1.65 4.77 -2.90
CA MET A 358 2.97 4.65 -2.30
C MET A 358 3.91 3.81 -3.16
N THR A 359 3.44 2.66 -3.65
CA THR A 359 4.31 1.77 -4.40
C THR A 359 4.71 2.35 -5.73
N VAL A 360 3.86 3.18 -6.34
CA VAL A 360 4.23 3.85 -7.59
C VAL A 360 5.47 4.70 -7.37
N LEU A 361 5.45 5.55 -6.34
CA LEU A 361 6.62 6.37 -6.05
C LEU A 361 7.81 5.52 -5.66
N PHE A 362 7.60 4.48 -4.85
CA PHE A 362 8.70 3.61 -4.46
C PHE A 362 9.40 3.02 -5.68
N THR A 363 8.62 2.52 -6.64
CA THR A 363 9.20 1.94 -7.85
C THR A 363 9.89 3.01 -8.69
N MET A 364 9.22 4.15 -8.89
CA MET A 364 9.80 5.22 -9.71
C MET A 364 11.13 5.70 -9.13
N CYS A 365 11.30 5.62 -7.81
CA CYS A 365 12.54 6.06 -7.18
C CYS A 365 13.57 4.96 -7.02
N SER A 366 13.15 3.69 -7.05
CA SER A 366 14.07 2.58 -6.87
C SER A 366 14.63 2.06 -8.19
N LEU A 367 13.85 2.13 -9.27
CA LEU A 367 14.33 1.62 -10.55
C LEU A 367 15.63 2.24 -11.01
N PRO A 368 15.84 3.55 -10.91
CA PRO A 368 17.14 4.11 -11.35
C PRO A 368 18.32 3.56 -10.58
N VAL A 369 18.15 3.29 -9.28
CA VAL A 369 19.24 2.75 -8.48
C VAL A 369 19.67 1.39 -9.00
N ILE A 370 18.70 0.50 -9.23
CA ILE A 370 19.01 -0.83 -9.74
C ILE A 370 19.59 -0.73 -11.15
N TYR A 371 19.06 0.17 -11.96
CA TYR A 371 19.57 0.37 -13.32
C TYR A 371 21.06 0.73 -13.27
N ARG A 372 21.41 1.73 -12.45
CA ARG A 372 22.81 2.14 -12.35
C ARG A 372 23.67 1.04 -11.75
N ALA A 373 23.14 0.29 -10.78
CA ALA A 373 23.91 -0.80 -10.19
C ALA A 373 24.26 -1.86 -11.24
N TYR A 374 23.29 -2.26 -12.05
CA TYR A 374 23.58 -3.21 -13.12
C TYR A 374 24.53 -2.61 -14.15
N TYR A 375 24.45 -1.31 -14.42
CA TYR A 375 25.42 -0.66 -15.31
C TYR A 375 26.78 -0.72 -14.67
N GLY A 376 26.89 -1.38 -13.54
CA GLY A 376 28.15 -1.41 -12.82
C GLY A 376 28.95 -2.67 -12.56
N ALA A 377 28.35 -3.84 -12.64
CA ALA A 377 29.15 -5.05 -12.53
C ALA A 377 29.07 -5.83 -13.82
N PHE A 378 27.99 -5.61 -14.57
CA PHE A 378 27.79 -6.34 -15.82
C PHE A 378 28.14 -5.59 -17.10
N LYS A 379 27.67 -4.35 -17.30
CA LYS A 379 28.07 -3.55 -18.46
C LYS A 379 29.47 -2.98 -18.22
N ASP A 380 30.18 -2.64 -19.28
CA ASP A 380 31.54 -2.13 -19.13
C ASP A 380 31.60 -0.89 -18.30
N VAL A 381 32.75 -0.61 -17.68
CA VAL A 381 32.97 0.59 -16.88
C VAL A 381 34.39 1.09 -17.11
N LYS A 382 34.92 0.84 -18.32
CA LYS A 382 36.30 1.19 -18.62
C LYS A 382 36.47 2.69 -18.81
N GLU A 383 36.29 3.45 -17.73
CA GLU A 383 36.47 4.90 -17.74
C GLU A 383 35.64 5.54 -18.86
N LYS A 384 34.35 5.22 -18.87
CA LYS A 384 33.45 5.83 -19.85
C LYS A 384 33.35 7.34 -19.62
N ASN A 385 33.19 7.76 -18.37
CA ASN A 385 33.10 9.18 -18.04
C ASN A 385 33.20 9.33 -16.53
N ARG A 386 33.71 10.48 -16.09
CA ARG A 386 33.90 10.77 -14.68
C ARG A 386 32.95 11.82 -14.14
N THR A 387 32.33 12.62 -15.00
CA THR A 387 31.43 13.69 -14.58
C THR A 387 30.00 13.47 -15.05
N SER A 388 29.80 13.17 -16.34
CA SER A 388 28.45 12.96 -16.86
C SER A 388 27.76 11.80 -16.15
N GLU A 389 28.48 10.69 -15.95
CA GLU A 389 27.90 9.54 -15.26
C GLU A 389 27.81 9.76 -13.76
N GLU A 390 28.75 10.50 -13.18
CA GLU A 390 28.66 10.82 -11.76
C GLU A 390 27.44 11.70 -11.48
N ALA A 391 27.09 12.59 -12.40
CA ALA A 391 25.89 13.40 -12.22
C ALA A 391 24.64 12.53 -12.22
N GLU A 392 24.58 11.55 -13.13
CA GLU A 392 23.44 10.64 -13.16
C GLU A 392 23.38 9.80 -11.88
N ASP A 393 24.53 9.36 -11.39
CA ASP A 393 24.54 8.60 -10.14
C ASP A 393 24.07 9.46 -8.97
N LEU A 394 24.48 10.72 -8.93
CA LEU A 394 24.03 11.62 -7.88
C LEU A 394 22.53 11.86 -7.97
N ARG A 395 22.01 12.00 -9.20
CA ARG A 395 20.58 12.17 -9.36
C ARG A 395 19.83 10.93 -8.91
N ALA A 396 20.38 9.75 -9.19
CA ALA A 396 19.76 8.51 -8.73
C ALA A 396 19.73 8.44 -7.21
N LEU A 397 20.84 8.83 -6.57
CA LEU A 397 20.88 8.84 -5.12
C LEU A 397 19.88 9.84 -4.56
N ARG A 398 19.74 11.00 -5.21
CA ARG A 398 18.77 11.99 -4.77
C ARG A 398 17.35 11.46 -4.88
N PHE A 399 17.03 10.79 -5.98
CA PHE A 399 15.71 10.19 -6.13
C PHE A 399 15.48 9.10 -5.10
N LEU A 400 16.51 8.34 -4.76
CA LEU A 400 16.38 7.33 -3.72
C LEU A 400 16.13 7.95 -2.35
N SER A 401 16.77 9.08 -2.06
CA SER A 401 16.62 9.75 -0.78
C SER A 401 15.34 10.56 -0.67
N VAL A 402 14.80 10.93 -1.81
CA VAL A 402 13.62 11.75 -1.81
C VAL A 402 12.38 10.95 -1.53
N ILE A 403 12.55 9.66 -1.41
CA ILE A 403 11.41 8.82 -1.14
C ILE A 403 10.85 9.30 0.14
N SER A 404 11.67 9.61 1.11
CA SER A 404 11.09 9.97 2.38
C SER A 404 10.23 11.20 2.33
N ILE A 405 10.73 12.22 1.70
CA ILE A 405 9.98 13.40 1.74
C ILE A 405 8.71 13.09 1.06
N VAL A 406 8.82 12.46 -0.08
CA VAL A 406 7.55 12.25 -0.71
C VAL A 406 6.53 11.30 -0.02
N ASP A 407 6.94 10.25 0.69
CA ASP A 407 5.98 9.42 1.41
C ASP A 407 5.25 10.26 2.38
N PRO A 408 6.01 11.00 3.17
CA PRO A 408 5.04 11.77 3.94
C PRO A 408 4.20 12.70 3.24
N TRP A 409 4.72 13.46 2.33
CA TRP A 409 3.82 14.43 1.78
C TRP A 409 2.67 13.85 0.97
N ILE A 410 2.71 12.57 0.63
CA ILE A 410 1.58 11.94 -0.07
C ILE A 410 0.55 11.59 0.91
N PHE A 411 0.98 10.95 1.93
CA PHE A 411 0.05 10.43 2.93
C PHE A 411 -0.92 11.50 3.39
N ILE A 412 -0.45 12.75 3.52
CA ILE A 412 -1.29 13.83 4.01
C ILE A 412 -2.48 14.07 3.07
N ILE A 413 -2.38 13.69 1.81
CA ILE A 413 -3.47 13.94 0.87
C ILE A 413 -4.68 13.08 1.21
N PHE A 414 -4.46 11.88 1.75
CA PHE A 414 -5.58 11.00 2.08
C PHE A 414 -6.32 11.47 3.33
N ARG A 415 -5.72 12.34 4.14
CA ARG A 415 -6.36 12.87 5.33
C ARG A 415 -7.23 14.08 5.04
N SER A 416 -7.62 14.29 3.78
CA SER A 416 -8.48 15.38 3.38
C SER A 416 -9.83 14.85 2.90
N PRO A 417 -10.91 15.60 3.10
CA PRO A 417 -12.23 15.07 2.67
C PRO A 417 -12.45 15.15 1.17
N VAL A 418 -11.95 16.21 0.52
CA VAL A 418 -12.21 16.39 -0.91
C VAL A 418 -11.63 15.22 -1.70
N PHE A 419 -10.39 14.85 -1.40
CA PHE A 419 -9.74 13.77 -2.15
C PHE A 419 -10.50 12.46 -2.02
N ARG A 420 -10.78 12.05 -0.78
CA ARG A 420 -11.48 10.78 -0.57
C ARG A 420 -12.87 10.80 -1.18
N ILE A 421 -13.57 11.93 -1.07
CA ILE A 421 -14.92 12.03 -1.63
C ILE A 421 -14.88 11.89 -3.14
N PHE A 422 -13.88 12.45 -3.79
CA PHE A 422 -13.83 12.22 -5.21
C PHE A 422 -13.57 10.75 -5.45
N PHE A 423 -12.55 10.19 -4.83
CA PHE A 423 -12.35 8.76 -5.03
C PHE A 423 -13.50 7.86 -4.51
N HIS A 424 -14.05 8.20 -3.37
CA HIS A 424 -15.12 7.41 -2.82
C HIS A 424 -16.21 7.49 -3.81
N LYS A 425 -16.51 8.67 -4.31
CA LYS A 425 -17.66 8.78 -5.18
C LYS A 425 -17.45 7.95 -6.40
N ILE A 426 -16.27 8.04 -6.98
CA ILE A 426 -16.12 7.35 -8.22
C ILE A 426 -16.35 5.92 -7.97
N PHE A 427 -15.75 5.35 -6.95
CA PHE A 427 -16.06 3.93 -6.82
C PHE A 427 -17.44 3.53 -6.42
N ILE A 428 -18.04 4.24 -5.49
CA ILE A 428 -19.33 3.79 -5.00
C ILE A 428 -20.16 3.90 -6.24
#